data_4WP2
#
_entry.id   4WP2
#
_cell.length_a   95.903
_cell.length_b   95.903
_cell.length_c   74.967
_cell.angle_alpha   90.00
_cell.angle_beta   90.00
_cell.angle_gamma   120.00
#
_symmetry.space_group_name_H-M   'P 31 2 1'
#
loop_
_entity.id
_entity.type
_entity.pdbx_description
1 polymer 'Putative mRNA export protein'
2 water water
#
_entity_poly.entity_id   1
_entity_poly.type   'polypeptide(L)'
_entity_poly.pdbx_seq_one_letter_code
;SNAATKAQLIAEVSRRTGMNVEYSQM(CAS)LTGAANWNLELALQSFEQQKANVPPEAFISQPQV
;
_entity_poly.pdbx_strand_id   A,B,C,D,E,F,G,H
#
# COMPACT_ATOMS: atom_id res chain seq x y z
N SER A 1 9.37 15.60 21.33
CA SER A 1 9.49 16.92 21.96
C SER A 1 10.79 17.01 22.72
N ASN A 2 10.94 18.02 23.56
CA ASN A 2 12.15 18.12 24.37
C ASN A 2 12.02 17.28 25.63
N ALA A 3 10.78 16.90 25.97
CA ALA A 3 10.53 16.09 27.16
C ALA A 3 11.10 14.70 26.96
N ALA A 4 10.97 14.19 25.75
CA ALA A 4 11.45 12.86 25.42
C ALA A 4 12.97 12.82 25.47
N THR A 5 13.59 13.89 24.98
CA THR A 5 15.05 13.97 24.97
C THR A 5 15.55 14.08 26.42
N LYS A 6 14.92 14.92 27.22
CA LYS A 6 15.24 15.04 28.65
C LYS A 6 15.05 13.70 29.35
N ALA A 7 13.98 12.98 28.99
CA ALA A 7 13.70 11.69 29.59
C ALA A 7 14.80 10.66 29.32
N GLN A 8 15.37 10.62 28.12
CA GLN A 8 16.44 9.63 27.85
C GLN A 8 17.66 9.96 28.73
N LEU A 9 17.90 11.23 29.00
CA LEU A 9 19.00 11.62 29.90
C LEU A 9 18.70 11.23 31.37
N ILE A 10 17.47 11.44 31.82
CA ILE A 10 17.07 11.01 33.16
C ILE A 10 17.24 9.50 33.30
N ALA A 11 16.80 8.75 32.29
CA ALA A 11 16.88 7.31 32.32
C ALA A 11 18.33 6.85 32.43
N GLU A 12 19.23 7.54 31.75
CA GLU A 12 20.64 7.16 31.78
C GLU A 12 21.26 7.43 33.15
N VAL A 13 20.94 8.59 33.74
CA VAL A 13 21.45 8.91 35.07
C VAL A 13 20.94 7.88 36.07
N SER A 14 19.67 7.50 35.95
CA SER A 14 19.07 6.51 36.84
C SER A 14 19.78 5.17 36.72
N ARG A 15 20.07 4.77 35.47
CA ARG A 15 20.75 3.51 35.21
C ARG A 15 22.13 3.48 35.84
N ARG A 16 22.85 4.60 35.70
CA ARG A 16 24.23 4.69 36.18
C ARG A 16 24.33 4.84 37.70
N THR A 17 23.44 5.65 38.30
CA THR A 17 23.55 5.99 39.72
C THR A 17 22.72 5.11 40.64
N GLY A 18 21.66 4.51 40.10
CA GLY A 18 20.74 3.72 40.89
C GLY A 18 19.61 4.53 41.50
N MET A 19 19.62 5.85 41.29
CA MET A 19 18.58 6.72 41.83
C MET A 19 17.29 6.62 41.04
N ASN A 20 16.17 6.93 41.69
CA ASN A 20 14.89 6.96 40.99
C ASN A 20 14.85 8.15 40.01
N VAL A 21 13.78 8.28 39.24
CA VAL A 21 13.75 9.31 38.20
C VAL A 21 13.71 10.72 38.79
N GLU A 22 13.08 10.89 39.95
CA GLU A 22 13.01 12.23 40.55
C GLU A 22 14.40 12.77 40.90
N TYR A 23 15.19 11.96 41.59
CA TYR A 23 16.51 12.41 42.03
C TYR A 23 17.48 12.45 40.85
N SER A 24 17.29 11.57 39.88
CA SER A 24 18.10 11.61 38.66
C SER A 24 17.93 12.94 37.94
N GLN A 25 16.68 13.42 37.86
CA GLN A 25 16.42 14.71 37.24
C GLN A 25 17.09 15.83 38.03
N MET A 26 17.15 15.70 39.34
CA MET A 26 17.78 16.73 40.17
C MET A 26 19.25 16.98 39.78
N LEU A 28 20.55 16.60 36.87
CA LEU A 28 20.62 17.16 35.53
C LEU A 28 20.20 18.62 35.47
N THR A 29 19.16 18.96 36.23
CA THR A 29 18.63 20.31 36.21
C THR A 29 19.53 21.28 36.98
N GLY A 30 19.53 22.54 36.55
CA GLY A 30 20.32 23.56 37.21
C GLY A 30 21.65 23.78 36.52
N ALA A 31 22.72 23.80 37.30
CA ALA A 31 24.02 24.22 36.80
C ALA A 31 24.64 23.21 35.82
N ALA A 32 24.24 21.94 35.88
CA ALA A 32 24.68 20.95 34.89
C ALA A 32 24.05 21.24 33.52
N ASN A 33 22.90 21.91 33.55
CA ASN A 33 22.12 22.22 32.35
C ASN A 33 22.01 21.00 31.42
N TRP A 34 21.68 19.86 32.01
CA TRP A 34 21.40 18.62 31.28
C TRP A 34 22.63 18.00 30.60
N ASN A 35 23.80 18.45 30.99
CA ASN A 35 25.05 17.83 30.58
C ASN A 35 25.21 16.53 31.37
N LEU A 36 25.23 15.40 30.68
CA LEU A 36 25.25 14.11 31.38
C LEU A 36 26.46 13.95 32.28
N GLU A 37 27.63 14.31 31.77
CA GLU A 37 28.86 14.15 32.53
C GLU A 37 28.86 15.01 33.79
N LEU A 38 28.40 16.25 33.67
CA LEU A 38 28.39 17.16 34.81
C LEU A 38 27.37 16.69 35.86
N ALA A 39 26.27 16.11 35.40
CA ALA A 39 25.26 15.55 36.30
C ALA A 39 25.85 14.39 37.12
N LEU A 40 26.56 13.48 36.46
CA LEU A 40 27.12 12.32 37.14
C LEU A 40 28.20 12.73 38.13
N GLN A 41 28.99 13.73 37.73
CA GLN A 41 30.00 14.32 38.59
C GLN A 41 29.37 14.89 39.88
N SER A 42 28.25 15.57 39.74
CA SER A 42 27.55 16.11 40.90
C SER A 42 27.07 14.99 41.82
N PHE A 43 26.59 13.91 41.24
CA PHE A 43 26.17 12.77 42.04
C PHE A 43 27.34 12.20 42.86
N GLU A 44 28.48 12.02 42.20
CA GLU A 44 29.66 11.44 42.87
C GLU A 44 30.07 12.24 44.09
N GLN A 45 30.01 13.56 44.01
CA GLN A 45 30.41 14.40 45.12
C GLN A 45 29.36 14.46 46.23
N GLN A 46 28.09 14.35 45.84
CA GLN A 46 26.98 14.60 46.76
C GLN A 46 26.18 13.36 47.18
N LYS A 47 26.67 12.17 46.81
CA LYS A 47 25.92 10.92 47.02
C LYS A 47 25.51 10.74 48.48
N ALA A 48 26.37 11.19 49.39
CA ALA A 48 26.15 11.06 50.82
C ALA A 48 24.86 11.74 51.29
N ASN A 49 24.38 12.71 50.53
CA ASN A 49 23.19 13.47 50.92
C ASN A 49 21.90 13.01 50.25
N VAL A 50 21.99 11.99 49.39
CA VAL A 50 20.79 11.44 48.75
C VAL A 50 20.14 10.43 49.69
N PRO A 51 18.83 10.58 49.95
CA PRO A 51 18.21 9.61 50.87
C PRO A 51 18.27 8.18 50.35
N PRO A 52 18.49 7.19 51.23
CA PRO A 52 18.61 5.80 50.77
C PRO A 52 17.37 5.30 50.05
N GLU A 53 16.19 5.78 50.42
CA GLU A 53 14.94 5.34 49.81
C GLU A 53 14.84 5.73 48.34
N ALA A 54 15.66 6.70 47.91
CA ALA A 54 15.64 7.18 46.54
C ALA A 54 16.25 6.17 45.56
N PHE A 55 16.91 5.14 46.09
CA PHE A 55 17.66 4.18 45.26
C PHE A 55 16.81 2.97 44.84
N ILE A 56 16.61 2.81 43.54
CA ILE A 56 15.85 1.68 43.00
C ILE A 56 16.64 0.63 42.20
N SER A 57 17.93 0.85 42.01
CA SER A 57 18.77 -0.11 41.28
C SER A 57 20.23 0.01 41.72
N GLN A 58 21.10 -0.84 41.19
CA GLN A 58 22.47 -0.87 41.65
C GLN A 58 23.30 0.35 41.24
N PRO A 59 24.01 0.96 42.21
CA PRO A 59 24.92 2.04 41.81
C PRO A 59 26.02 1.48 40.93
N GLN A 60 26.27 2.12 39.80
CA GLN A 60 27.26 1.60 38.86
C GLN A 60 27.84 2.72 38.01
N VAL A 61 28.05 3.88 38.64
CA VAL A 61 28.75 5.01 38.02
C VAL A 61 30.04 4.54 37.35
N ALA B 4 9.19 20.09 35.22
CA ALA B 4 9.82 19.10 34.36
C ALA B 4 9.29 17.70 34.68
N THR B 5 8.06 17.63 35.16
CA THR B 5 7.49 16.34 35.47
C THR B 5 7.18 15.54 34.20
N LYS B 6 7.01 16.17 33.02
CA LYS B 6 6.78 15.37 31.80
C LYS B 6 7.95 14.44 31.49
N ALA B 7 9.18 14.97 31.57
CA ALA B 7 10.34 14.14 31.33
C ALA B 7 10.41 13.03 32.38
N GLN B 8 10.09 13.35 33.63
CA GLN B 8 10.11 12.35 34.71
C GLN B 8 9.08 11.27 34.46
N LEU B 9 7.92 11.68 33.99
CA LEU B 9 6.83 10.74 33.75
C LEU B 9 7.15 9.80 32.60
N ILE B 10 7.73 10.33 31.53
CA ILE B 10 8.17 9.50 30.42
C ILE B 10 9.23 8.51 30.90
N ALA B 11 10.19 8.99 31.66
CA ALA B 11 11.27 8.12 32.16
C ALA B 11 10.74 7.01 33.06
N GLU B 12 9.73 7.31 33.87
CA GLU B 12 9.17 6.32 34.78
C GLU B 12 8.39 5.23 34.02
N VAL B 13 7.61 5.63 33.02
CA VAL B 13 6.87 4.65 32.21
C VAL B 13 7.84 3.69 31.53
N SER B 14 8.95 4.23 31.04
CA SER B 14 9.95 3.39 30.40
C SER B 14 10.49 2.34 31.36
N ARG B 15 10.82 2.79 32.57
CA ARG B 15 11.37 1.92 33.60
C ARG B 15 10.39 0.81 34.00
N ARG B 16 9.13 1.17 34.16
CA ARG B 16 8.14 0.22 34.64
C ARG B 16 7.76 -0.79 33.55
N THR B 17 7.66 -0.33 32.31
CA THR B 17 7.17 -1.16 31.21
C THR B 17 8.27 -1.87 30.45
N GLY B 18 9.46 -1.27 30.47
CA GLY B 18 10.58 -1.78 29.69
C GLY B 18 10.59 -1.23 28.27
N MET B 19 9.57 -0.44 27.94
CA MET B 19 9.49 0.19 26.63
C MET B 19 10.44 1.36 26.52
N ASN B 20 10.83 1.71 25.29
CA ASN B 20 11.69 2.87 25.06
C ASN B 20 10.95 4.18 25.32
N VAL B 21 11.68 5.28 25.24
CA VAL B 21 11.15 6.61 25.58
C VAL B 21 10.09 7.14 24.62
N GLU B 22 10.26 6.89 23.33
CA GLU B 22 9.33 7.40 22.34
C GLU B 22 7.95 6.81 22.54
N TYR B 23 7.91 5.51 22.71
CA TYR B 23 6.65 4.79 22.88
C TYR B 23 6.10 5.01 24.30
N SER B 24 6.99 5.20 25.28
CA SER B 24 6.53 5.52 26.62
C SER B 24 5.73 6.83 26.62
N GLN B 25 6.22 7.82 25.87
CA GLN B 25 5.52 9.10 25.76
C GLN B 25 4.16 8.93 25.11
N MET B 26 4.06 7.99 24.17
CA MET B 26 2.80 7.75 23.50
C MET B 26 1.71 7.34 24.48
N LEU B 28 1.43 8.26 27.59
CA LEU B 28 1.09 9.37 28.46
C LEU B 28 0.27 10.46 27.76
N THR B 29 0.58 10.75 26.50
CA THR B 29 -0.11 11.79 25.76
C THR B 29 -1.49 11.32 25.30
N GLY B 30 -2.42 12.25 25.17
CA GLY B 30 -3.76 11.92 24.75
C GLY B 30 -4.69 11.74 25.93
N ALA B 31 -5.47 10.66 25.90
CA ALA B 31 -6.57 10.51 26.84
C ALA B 31 -6.10 10.27 28.28
N ALA B 32 -4.87 9.79 28.48
CA ALA B 32 -4.33 9.64 29.84
C ALA B 32 -4.03 10.98 30.50
N ASN B 33 -3.83 12.01 29.68
CA ASN B 33 -3.44 13.35 30.14
C ASN B 33 -2.31 13.33 31.18
N TRP B 34 -1.26 12.59 30.85
CA TRP B 34 -0.03 12.54 31.62
C TRP B 34 -0.19 11.90 32.99
N ASN B 35 -1.28 11.15 33.18
CA ASN B 35 -1.46 10.31 34.36
C ASN B 35 -0.71 8.98 34.27
N LEU B 36 0.21 8.75 35.20
CA LEU B 36 1.08 7.58 35.17
C LEU B 36 0.31 6.26 35.23
N GLU B 37 -0.64 6.16 36.15
CA GLU B 37 -1.40 4.92 36.32
C GLU B 37 -2.18 4.60 35.05
N LEU B 38 -2.78 5.62 34.47
CA LEU B 38 -3.60 5.44 33.28
C LEU B 38 -2.73 5.07 32.08
N ALA B 39 -1.52 5.62 32.02
CA ALA B 39 -0.57 5.26 30.97
C ALA B 39 -0.19 3.80 31.09
N LEU B 40 0.10 3.38 32.32
CA LEU B 40 0.52 2.00 32.57
C LEU B 40 -0.63 1.03 32.30
N GLN B 41 -1.85 1.41 32.67
CA GLN B 41 -3.02 0.60 32.35
C GLN B 41 -3.11 0.40 30.84
N SER B 42 -2.90 1.48 30.10
CA SER B 42 -2.98 1.43 28.65
C SER B 42 -1.91 0.49 28.09
N PHE B 43 -0.72 0.53 28.68
CA PHE B 43 0.34 -0.39 28.27
C PHE B 43 -0.01 -1.85 28.52
N GLU B 44 -0.47 -2.15 29.72
CA GLU B 44 -0.81 -3.52 30.09
C GLU B 44 -1.87 -4.09 29.16
N GLN B 45 -2.82 -3.25 28.78
CA GLN B 45 -3.92 -3.68 27.94
C GLN B 45 -3.49 -3.86 26.49
N GLN B 46 -2.48 -3.10 26.05
CA GLN B 46 -2.08 -3.11 24.65
C GLN B 46 -0.75 -3.82 24.43
N LYS B 47 -0.19 -4.38 25.50
CA LYS B 47 1.16 -4.92 25.47
C LYS B 47 1.32 -6.01 24.41
N ALA B 48 0.28 -6.82 24.24
CA ALA B 48 0.32 -7.90 23.26
C ALA B 48 0.46 -7.32 21.85
N ASN B 49 -0.02 -6.09 21.68
CA ASN B 49 -0.03 -5.44 20.37
C ASN B 49 1.11 -4.43 20.19
N VAL B 50 1.95 -4.27 21.20
CA VAL B 50 3.09 -3.36 21.10
C VAL B 50 4.21 -4.10 20.39
N PRO B 51 4.79 -3.48 19.35
CA PRO B 51 5.84 -4.21 18.63
C PRO B 51 7.03 -4.54 19.52
N PRO B 52 7.65 -5.72 19.31
CA PRO B 52 8.81 -6.13 20.10
C PRO B 52 9.94 -5.12 20.03
N GLU B 53 9.98 -4.34 18.95
CA GLU B 53 11.04 -3.35 18.77
C GLU B 53 11.04 -2.24 19.83
N ALA B 54 9.89 -2.01 20.46
CA ALA B 54 9.75 -0.94 21.44
C ALA B 54 10.38 -1.24 22.80
N PHE B 55 10.69 -2.51 23.04
CA PHE B 55 11.14 -2.97 24.35
C PHE B 55 12.66 -2.96 24.50
N ILE B 56 13.20 -1.99 25.24
CA ILE B 56 14.65 -1.93 25.41
C ILE B 56 15.09 -2.47 26.77
N SER B 57 14.19 -3.18 27.46
CA SER B 57 14.49 -3.80 28.75
C SER B 57 13.30 -4.55 29.34
N GLN B 58 13.58 -5.36 30.37
CA GLN B 58 12.55 -6.13 31.06
C GLN B 58 11.76 -5.23 32.02
N PRO B 59 10.43 -5.44 32.14
CA PRO B 59 9.63 -4.65 33.08
C PRO B 59 10.06 -4.76 34.55
N GLN B 60 10.02 -3.63 35.25
CA GLN B 60 10.45 -3.54 36.64
C GLN B 60 9.29 -3.06 37.51
N VAL B 61 8.91 -3.88 38.49
CA VAL B 61 7.86 -3.54 39.45
C VAL B 61 7.99 -2.12 40.00
N SER C 1 0.51 -5.02 7.69
CA SER C 1 0.68 -3.76 8.39
C SER C 1 -0.62 -2.98 8.53
N ASN C 2 -0.82 -2.41 9.71
CA ASN C 2 -1.96 -1.54 9.99
C ASN C 2 -1.63 -0.06 9.84
N ALA C 3 -0.45 0.25 9.29
CA ALA C 3 0.03 1.62 9.21
C ALA C 3 -0.86 2.53 8.38
N ALA C 4 -1.40 2.02 7.28
CA ALA C 4 -2.24 2.84 6.42
C ALA C 4 -3.54 3.21 7.12
N THR C 5 -4.08 2.28 7.90
CA THR C 5 -5.33 2.51 8.62
C THR C 5 -5.11 3.58 9.69
N LYS C 6 -4.01 3.44 10.40
CA LYS C 6 -3.61 4.45 11.39
C LYS C 6 -3.38 5.81 10.76
N ALA C 7 -2.76 5.84 9.59
CA ALA C 7 -2.52 7.08 8.88
C ALA C 7 -3.83 7.79 8.56
N GLN C 8 -4.86 7.02 8.20
CA GLN C 8 -6.17 7.60 7.93
C GLN C 8 -6.76 8.21 9.20
N LEU C 9 -6.55 7.58 10.35
CA LEU C 9 -7.03 8.13 11.62
C LEU C 9 -6.28 9.40 12.00
N ILE C 10 -4.97 9.40 11.79
CA ILE C 10 -4.17 10.61 12.01
C ILE C 10 -4.66 11.75 11.14
N ALA C 11 -4.88 11.45 9.86
CA ALA C 11 -5.32 12.47 8.92
C ALA C 11 -6.66 13.07 9.35
N GLU C 12 -7.54 12.24 9.88
CA GLU C 12 -8.87 12.70 10.29
C GLU C 12 -8.77 13.61 11.51
N VAL C 13 -7.92 13.23 12.46
CA VAL C 13 -7.71 14.06 13.65
C VAL C 13 -7.11 15.42 13.26
N SER C 14 -6.14 15.39 12.34
CA SER C 14 -5.49 16.62 11.88
C SER C 14 -6.48 17.57 11.20
N ARG C 15 -7.34 17.02 10.36
CA ARG C 15 -8.34 17.83 9.66
C ARG C 15 -9.26 18.54 10.64
N ARG C 16 -9.68 17.82 11.67
CA ARG C 16 -10.64 18.32 12.64
C ARG C 16 -10.05 19.30 13.66
N THR C 17 -8.84 19.04 14.11
CA THR C 17 -8.22 19.85 15.16
C THR C 17 -7.29 20.94 14.65
N GLY C 18 -6.75 20.75 13.46
CA GLY C 18 -5.78 21.68 12.90
C GLY C 18 -4.34 21.36 13.30
N MET C 19 -4.17 20.32 14.12
CA MET C 19 -2.85 19.91 14.55
C MET C 19 -2.04 19.21 13.46
N ASN C 20 -0.71 19.30 13.56
CA ASN C 20 0.16 18.59 12.64
C ASN C 20 0.08 17.08 12.90
N VAL C 21 0.83 16.33 12.10
CA VAL C 21 0.73 14.88 12.13
C VAL C 21 1.22 14.30 13.45
N GLU C 22 2.28 14.87 14.01
CA GLU C 22 2.83 14.39 15.26
C GLU C 22 1.84 14.52 16.40
N TYR C 23 1.24 15.70 16.55
CA TYR C 23 0.34 15.94 17.67
C TYR C 23 -1.00 15.24 17.47
N SER C 24 -1.45 15.09 16.23
CA SER C 24 -2.66 14.33 15.96
C SER C 24 -2.47 12.88 16.42
N GLN C 25 -1.31 12.30 16.13
CA GLN C 25 -1.03 10.95 16.60
C GLN C 25 -0.99 10.85 18.13
N MET C 26 -0.53 11.90 18.80
CA MET C 26 -0.48 11.89 20.27
C MET C 26 -1.86 11.66 20.89
N LEU C 28 -4.32 10.09 19.57
CA LEU C 28 -4.81 8.76 19.24
C LEU C 28 -4.12 7.66 20.04
N THR C 29 -2.82 7.80 20.25
CA THR C 29 -2.05 6.77 20.95
C THR C 29 -2.30 6.83 22.46
N GLY C 30 -2.20 5.70 23.13
CA GLY C 30 -2.39 5.65 24.56
C GLY C 30 -3.79 5.23 24.95
N ALA C 31 -4.40 5.97 25.87
CA ALA C 31 -5.66 5.53 26.47
C ALA C 31 -6.83 5.59 25.48
N ALA C 32 -6.74 6.39 24.41
CA ALA C 32 -7.77 6.38 23.37
C ALA C 32 -7.72 5.10 22.55
N ASN C 33 -6.54 4.48 22.51
CA ASN C 33 -6.26 3.29 21.71
C ASN C 33 -6.81 3.42 20.29
N TRP C 34 -6.53 4.57 19.67
CA TRP C 34 -6.85 4.86 18.27
C TRP C 34 -8.35 4.98 17.98
N ASN C 35 -9.13 5.18 19.04
CA ASN C 35 -10.54 5.53 18.91
C ASN C 35 -10.68 7.01 18.54
N LEU C 36 -11.28 7.29 17.39
CA LEU C 36 -11.38 8.67 16.92
C LEU C 36 -12.12 9.56 17.89
N GLU C 37 -13.24 9.06 18.43
CA GLU C 37 -14.08 9.86 19.32
C GLU C 37 -13.32 10.24 20.59
N LEU C 38 -12.61 9.28 21.16
CA LEU C 38 -11.83 9.51 22.37
C LEU C 38 -10.64 10.43 22.12
N ALA C 39 -10.02 10.31 20.94
CA ALA C 39 -8.91 11.18 20.60
C ALA C 39 -9.39 12.64 20.55
N LEU C 40 -10.51 12.87 19.87
CA LEU C 40 -11.04 14.21 19.71
C LEU C 40 -11.49 14.81 21.04
N GLN C 41 -12.07 13.98 21.90
CA GLN C 41 -12.44 14.40 23.25
C GLN C 41 -11.21 14.85 24.04
N SER C 42 -10.12 14.10 23.91
CA SER C 42 -8.88 14.45 24.60
C SER C 42 -8.33 15.79 24.14
N PHE C 43 -8.41 16.04 22.83
CA PHE C 43 -7.98 17.32 22.31
C PHE C 43 -8.82 18.45 22.91
N GLU C 44 -10.13 18.29 22.92
CA GLU C 44 -11.03 19.32 23.44
C GLU C 44 -10.71 19.68 24.89
N GLN C 45 -10.38 18.68 25.70
CA GLN C 45 -10.09 18.91 27.12
C GLN C 45 -8.72 19.52 27.35
N GLN C 46 -7.75 19.19 26.49
CA GLN C 46 -6.36 19.56 26.68
C GLN C 46 -5.95 20.61 25.66
N LYS C 47 -6.96 21.13 24.96
CA LYS C 47 -6.80 22.01 23.82
C LYS C 47 -5.87 23.19 24.13
N ALA C 48 -5.99 23.71 25.36
CA ALA C 48 -5.20 24.84 25.83
C ALA C 48 -3.70 24.58 25.87
N ASN C 49 -3.30 23.31 25.98
CA ASN C 49 -1.91 22.97 26.20
C ASN C 49 -1.11 22.59 24.96
N VAL C 50 -1.74 22.63 23.79
CA VAL C 50 -1.04 22.32 22.54
C VAL C 50 -0.28 23.56 22.04
N PRO C 51 1.04 23.42 21.76
CA PRO C 51 1.82 24.58 21.31
C PRO C 51 1.32 25.16 19.99
N PRO C 52 1.42 26.49 19.81
CA PRO C 52 0.92 27.10 18.56
C PRO C 52 1.61 26.57 17.29
N GLU C 53 2.88 26.22 17.38
CA GLU C 53 3.62 25.73 16.21
C GLU C 53 3.08 24.38 15.73
N ALA C 54 2.34 23.70 16.58
CA ALA C 54 1.80 22.38 16.27
C ALA C 54 0.63 22.45 15.28
N PHE C 55 0.10 23.66 15.09
CA PHE C 55 -1.09 23.91 14.28
C PHE C 55 -0.77 24.29 12.84
N ILE C 56 -1.16 23.43 11.90
CA ILE C 56 -0.94 23.71 10.48
C ILE C 56 -2.21 24.08 9.70
N SER C 57 -3.37 23.97 10.33
CA SER C 57 -4.62 24.35 9.69
C SER C 57 -5.60 24.84 10.73
N GLN C 58 -6.75 25.34 10.29
CA GLN C 58 -7.71 25.95 11.20
C GLN C 58 -8.36 24.95 12.15
N PRO C 59 -8.40 25.28 13.45
CA PRO C 59 -9.13 24.44 14.40
C PRO C 59 -10.61 24.45 14.08
N GLN C 60 -11.25 23.29 14.04
CA GLN C 60 -12.66 23.23 13.67
C GLN C 60 -13.40 22.06 14.32
N VAL C 61 -12.86 21.58 15.43
CA VAL C 61 -13.53 20.53 16.21
C VAL C 61 -15.00 20.84 16.41
N ALA D 4 10.13 8.20 14.07
CA ALA D 4 8.76 8.41 13.62
C ALA D 4 8.11 7.07 13.25
N THR D 5 6.83 6.92 13.60
CA THR D 5 6.10 5.71 13.30
C THR D 5 5.82 5.63 11.81
N LYS D 6 5.53 4.43 11.32
CA LYS D 6 5.16 4.25 9.92
C LYS D 6 3.92 5.06 9.60
N ALA D 7 2.94 5.04 10.50
CA ALA D 7 1.70 5.76 10.28
C ALA D 7 1.90 7.26 10.14
N GLN D 8 2.75 7.86 10.97
CA GLN D 8 2.95 9.31 10.86
C GLN D 8 3.71 9.64 9.58
N LEU D 9 4.62 8.77 9.15
CA LEU D 9 5.37 9.01 7.92
C LEU D 9 4.44 8.97 6.69
N ILE D 10 3.52 8.01 6.66
CA ILE D 10 2.53 7.94 5.60
C ILE D 10 1.68 9.22 5.61
N ALA D 11 1.22 9.60 6.79
CA ALA D 11 0.38 10.80 6.91
C ALA D 11 1.11 12.06 6.46
N GLU D 12 2.39 12.16 6.79
CA GLU D 12 3.17 13.36 6.42
C GLU D 12 3.41 13.42 4.90
N VAL D 13 3.72 12.28 4.30
CA VAL D 13 3.88 12.22 2.85
C VAL D 13 2.56 12.59 2.17
N SER D 14 1.46 12.09 2.73
CA SER D 14 0.14 12.41 2.20
C SER D 14 -0.11 13.93 2.26
N ARG D 15 0.22 14.53 3.38
CA ARG D 15 0.02 15.96 3.59
C ARG D 15 0.82 16.82 2.61
N ARG D 16 2.10 16.48 2.45
CA ARG D 16 3.01 17.30 1.67
C ARG D 16 2.76 17.17 0.17
N THR D 17 2.46 15.95 -0.26
CA THR D 17 2.38 15.65 -1.69
C THR D 17 0.94 15.77 -2.22
N GLY D 18 -0.02 15.64 -1.32
CA GLY D 18 -1.42 15.65 -1.71
C GLY D 18 -1.94 14.28 -2.12
N MET D 19 -1.06 13.28 -2.14
CA MET D 19 -1.47 11.92 -2.49
C MET D 19 -2.23 11.26 -1.33
N ASN D 20 -3.08 10.30 -1.65
CA ASN D 20 -3.79 9.55 -0.61
C ASN D 20 -2.82 8.62 0.14
N VAL D 21 -3.32 7.94 1.17
CA VAL D 21 -2.45 7.14 2.03
C VAL D 21 -1.86 5.93 1.32
N GLU D 22 -2.61 5.36 0.40
CA GLU D 22 -2.14 4.18 -0.33
C GLU D 22 -0.90 4.51 -1.16
N TYR D 23 -0.98 5.58 -1.95
CA TYR D 23 0.14 5.95 -2.81
C TYR D 23 1.30 6.53 -2.00
N SER D 24 0.98 7.24 -0.92
CA SER D 24 2.02 7.78 -0.05
C SER D 24 2.84 6.65 0.55
N GLN D 25 2.17 5.57 0.97
CA GLN D 25 2.87 4.42 1.52
C GLN D 25 3.79 3.77 0.50
N MET D 26 3.36 3.75 -0.76
CA MET D 26 4.16 3.17 -1.82
C MET D 26 5.53 3.86 -1.95
N LEU D 28 7.20 5.25 0.40
CA LEU D 28 8.01 5.00 1.59
C LEU D 28 8.56 3.59 1.67
N THR D 29 7.78 2.60 1.26
CA THR D 29 8.21 1.20 1.33
C THR D 29 9.19 0.87 0.20
N GLY D 30 10.08 -0.08 0.45
CA GLY D 30 11.03 -0.50 -0.57
C GLY D 30 12.36 0.23 -0.44
N ALA D 31 12.86 0.77 -1.55
CA ALA D 31 14.21 1.29 -1.54
C ALA D 31 14.35 2.55 -0.68
N ALA D 32 13.25 3.27 -0.46
CA ALA D 32 13.28 4.41 0.45
C ALA D 32 13.40 3.95 1.89
N ASN D 33 12.94 2.74 2.16
CA ASN D 33 12.94 2.14 3.48
C ASN D 33 12.53 3.11 4.59
N TRP D 34 11.41 3.79 4.36
CA TRP D 34 10.74 4.67 5.31
C TRP D 34 11.54 5.95 5.58
N ASN D 35 12.49 6.26 4.69
CA ASN D 35 13.18 7.55 4.73
C ASN D 35 12.34 8.64 4.08
N LEU D 36 12.00 9.66 4.86
CA LEU D 36 11.09 10.72 4.39
C LEU D 36 11.67 11.46 3.19
N GLU D 37 12.94 11.86 3.25
CA GLU D 37 13.53 12.63 2.16
C GLU D 37 13.57 11.85 0.85
N LEU D 38 13.93 10.56 0.91
CA LEU D 38 13.99 9.73 -0.30
C LEU D 38 12.59 9.45 -0.84
N ALA D 39 11.61 9.29 0.04
CA ALA D 39 10.23 9.12 -0.42
C ALA D 39 9.76 10.38 -1.17
N LEU D 40 10.02 11.55 -0.58
CA LEU D 40 9.59 12.81 -1.18
C LEU D 40 10.33 13.08 -2.48
N GLN D 41 11.62 12.78 -2.50
CA GLN D 41 12.43 12.88 -3.71
C GLN D 41 11.88 12.03 -4.85
N SER D 42 11.51 10.81 -4.50
CA SER D 42 10.99 9.89 -5.47
C SER D 42 9.65 10.43 -6.04
N PHE D 43 8.83 11.02 -5.18
CA PHE D 43 7.59 11.65 -5.64
C PHE D 43 7.92 12.79 -6.61
N GLU D 44 8.87 13.63 -6.20
CA GLU D 44 9.26 14.78 -7.01
C GLU D 44 9.73 14.34 -8.39
N GLN D 45 10.42 13.20 -8.47
CA GLN D 45 10.94 12.70 -9.74
C GLN D 45 9.85 12.09 -10.61
N GLN D 46 8.84 11.51 -9.97
CA GLN D 46 7.83 10.72 -10.67
C GLN D 46 6.50 11.43 -10.79
N LYS D 47 6.42 12.65 -10.27
CA LYS D 47 5.15 13.36 -10.14
C LYS D 47 4.41 13.50 -11.48
N ALA D 48 5.16 13.68 -12.57
CA ALA D 48 4.55 13.81 -13.89
C ALA D 48 3.79 12.55 -14.34
N ASN D 49 4.24 11.40 -13.85
CA ASN D 49 3.68 10.10 -14.24
C ASN D 49 2.71 9.49 -13.22
N VAL D 50 2.43 10.23 -12.14
CA VAL D 50 1.54 9.73 -11.10
C VAL D 50 0.08 9.89 -11.52
N PRO D 51 -0.72 8.81 -11.45
CA PRO D 51 -2.13 8.86 -11.87
C PRO D 51 -2.99 9.85 -11.08
N PRO D 52 -4.00 10.46 -11.72
CA PRO D 52 -4.90 11.37 -11.01
C PRO D 52 -5.56 10.69 -9.82
N GLU D 53 -5.72 9.38 -9.91
CA GLU D 53 -6.34 8.58 -8.86
C GLU D 53 -5.52 8.62 -7.58
N ALA D 54 -4.22 8.89 -7.71
CA ALA D 54 -3.34 8.88 -6.55
C ALA D 54 -3.56 10.11 -5.68
N PHE D 55 -4.20 11.11 -6.25
CA PHE D 55 -4.37 12.39 -5.59
C PHE D 55 -5.73 12.52 -4.87
N ILE D 56 -6.66 11.62 -5.19
CA ILE D 56 -7.95 11.60 -4.52
C ILE D 56 -8.11 10.40 -3.60
N SER D 57 -8.88 10.58 -2.53
CA SER D 57 -9.14 9.52 -1.56
C SER D 57 -9.84 8.31 -2.19
N GLN D 58 -9.49 7.13 -1.69
CA GLN D 58 -10.02 5.85 -2.17
C GLN D 58 -11.45 5.62 -1.61
N PRO D 59 -12.33 4.96 -2.40
CA PRO D 59 -13.69 4.68 -1.90
C PRO D 59 -13.71 3.86 -0.60
N GLN D 60 -14.56 4.25 0.33
CA GLN D 60 -14.64 3.60 1.63
C GLN D 60 -15.24 2.19 1.57
N VAL D 61 -15.02 1.45 2.66
CA VAL D 61 -15.48 0.08 2.87
C VAL D 61 -15.18 -0.84 1.68
N SER E 1 -2.48 -3.54 -20.49
CA SER E 1 -2.46 -2.36 -19.63
C SER E 1 -1.10 -2.26 -18.95
N ASN E 2 -0.88 -1.22 -18.17
CA ASN E 2 0.38 -1.12 -17.45
C ASN E 2 0.27 -1.95 -16.18
N ALA E 3 -0.96 -2.27 -15.77
CA ALA E 3 -1.17 -3.08 -14.57
C ALA E 3 -0.66 -4.48 -14.82
N ALA E 4 -0.87 -4.98 -16.03
CA ALA E 4 -0.44 -6.33 -16.37
C ALA E 4 1.08 -6.40 -16.42
N THR E 5 1.71 -5.34 -16.92
CA THR E 5 3.17 -5.31 -17.02
C THR E 5 3.75 -5.25 -15.61
N LYS E 6 3.17 -4.39 -14.77
CA LYS E 6 3.55 -4.29 -13.36
C LYS E 6 3.36 -5.63 -12.64
N ALA E 7 2.26 -6.32 -12.96
CA ALA E 7 1.96 -7.62 -12.38
C ALA E 7 3.05 -8.66 -12.67
N GLN E 8 3.64 -8.61 -13.88
CA GLN E 8 4.70 -9.56 -14.21
C GLN E 8 5.89 -9.36 -13.30
N LEU E 9 6.17 -8.09 -12.98
CA LEU E 9 7.30 -7.75 -12.12
C LEU E 9 7.04 -8.16 -10.67
N ILE E 10 5.81 -7.94 -10.19
CA ILE E 10 5.41 -8.37 -8.85
C ILE E 10 5.53 -9.88 -8.72
N ALA E 11 5.06 -10.59 -9.73
CA ALA E 11 5.11 -12.05 -9.71
C ALA E 11 6.54 -12.54 -9.67
N GLU E 12 7.44 -11.87 -10.39
CA GLU E 12 8.85 -12.29 -10.42
C GLU E 12 9.50 -12.05 -9.07
N VAL E 13 9.24 -10.89 -8.46
CA VAL E 13 9.78 -10.60 -7.14
C VAL E 13 9.27 -11.62 -6.12
N SER E 14 7.98 -11.96 -6.21
CA SER E 14 7.41 -12.95 -5.31
C SER E 14 8.08 -14.32 -5.50
N ARG E 15 8.31 -14.69 -6.76
CA ARG E 15 8.95 -15.97 -7.04
C ARG E 15 10.36 -16.05 -6.44
N ARG E 16 11.13 -14.99 -6.65
CA ARG E 16 12.54 -14.98 -6.25
C ARG E 16 12.72 -14.79 -4.75
N THR E 17 11.88 -13.98 -4.12
CA THR E 17 12.06 -13.62 -2.71
C THR E 17 11.24 -14.50 -1.76
N GLY E 18 10.15 -15.08 -2.25
CA GLY E 18 9.26 -15.85 -1.41
C GLY E 18 8.19 -15.00 -0.74
N MET E 19 8.24 -13.69 -0.93
CA MET E 19 7.25 -12.81 -0.31
C MET E 19 5.91 -12.84 -1.03
N ASN E 20 4.84 -12.53 -0.30
CA ASN E 20 3.53 -12.45 -0.93
C ASN E 20 3.48 -11.24 -1.86
N VAL E 21 2.38 -11.06 -2.58
CA VAL E 21 2.33 -10.03 -3.62
C VAL E 21 2.33 -8.62 -3.04
N GLU E 22 1.76 -8.43 -1.86
CA GLU E 22 1.74 -7.10 -1.25
C GLU E 22 3.17 -6.61 -0.99
N TYR E 23 3.97 -7.46 -0.36
CA TYR E 23 5.34 -7.08 -0.03
C TYR E 23 6.22 -7.05 -1.27
N SER E 24 5.93 -7.90 -2.25
CA SER E 24 6.68 -7.85 -3.49
C SER E 24 6.46 -6.51 -4.17
N GLN E 25 5.22 -6.05 -4.19
CA GLN E 25 4.94 -4.75 -4.77
C GLN E 25 5.63 -3.61 -3.99
N MET E 26 5.71 -3.75 -2.66
CA MET E 26 6.36 -2.76 -1.82
C MET E 26 7.81 -2.49 -2.24
N LEU E 28 9.05 -2.83 -5.21
CA LEU E 28 9.09 -2.25 -6.55
C LEU E 28 8.69 -0.79 -6.61
N THR E 29 7.66 -0.42 -5.85
CA THR E 29 7.15 0.95 -5.88
C THR E 29 8.05 1.89 -5.10
N GLY E 30 8.08 3.15 -5.52
CA GLY E 30 8.88 4.14 -4.82
C GLY E 30 10.23 4.37 -5.47
N ALA E 31 11.29 4.36 -4.66
CA ALA E 31 12.61 4.75 -5.14
C ALA E 31 13.22 3.75 -6.14
N ALA E 32 12.80 2.49 -6.11
CA ALA E 32 13.24 1.52 -7.12
C ALA E 32 12.55 1.80 -8.47
N ASN E 33 11.40 2.45 -8.40
CA ASN E 33 10.56 2.77 -9.57
C ASN E 33 10.44 1.61 -10.55
N TRP E 34 10.14 0.43 -10.00
CA TRP E 34 9.86 -0.77 -10.77
C TRP E 34 11.09 -1.34 -11.49
N ASN E 35 12.27 -0.89 -11.09
CA ASN E 35 13.51 -1.50 -11.56
C ASN E 35 13.65 -2.84 -10.82
N LEU E 36 13.63 -3.96 -11.56
CA LEU E 36 13.61 -5.26 -10.90
C LEU E 36 14.87 -5.47 -10.05
N GLU E 37 16.02 -5.11 -10.61
CA GLU E 37 17.28 -5.31 -9.94
C GLU E 37 17.35 -4.51 -8.64
N LEU E 38 16.88 -3.27 -8.68
CA LEU E 38 16.90 -2.40 -7.50
C LEU E 38 15.91 -2.89 -6.44
N ALA E 39 14.77 -3.44 -6.88
CA ALA E 39 13.79 -4.03 -5.96
C ALA E 39 14.38 -5.23 -5.23
N LEU E 40 15.04 -6.11 -5.98
CA LEU E 40 15.63 -7.30 -5.40
C LEU E 40 16.75 -6.93 -4.44
N GLN E 41 17.51 -5.90 -4.81
CA GLN E 41 18.55 -5.38 -3.93
C GLN E 41 17.94 -4.90 -2.60
N SER E 42 16.80 -4.22 -2.65
CA SER E 42 16.16 -3.76 -1.42
C SER E 42 15.76 -4.95 -0.57
N PHE E 43 15.27 -6.01 -1.18
CA PHE E 43 14.93 -7.21 -0.41
C PHE E 43 16.18 -7.77 0.27
N GLU E 44 17.27 -7.88 -0.48
CA GLU E 44 18.50 -8.43 0.08
C GLU E 44 18.93 -7.64 1.32
N GLN E 45 18.74 -6.32 1.29
CA GLN E 45 19.17 -5.47 2.40
C GLN E 45 18.24 -5.58 3.60
N GLN E 46 16.96 -5.84 3.33
CA GLN E 46 15.93 -5.80 4.36
C GLN E 46 15.33 -7.15 4.75
N LYS E 47 15.80 -8.24 4.14
CA LYS E 47 15.12 -9.52 4.29
C LYS E 47 15.00 -10.04 5.72
N ALA E 48 16.00 -9.80 6.56
CA ALA E 48 15.96 -10.26 7.95
C ALA E 48 14.80 -9.58 8.70
N ASN E 49 14.38 -8.43 8.20
CA ASN E 49 13.35 -7.60 8.85
C ASN E 49 11.95 -7.72 8.25
N VAL E 50 11.80 -8.59 7.25
CA VAL E 50 10.49 -8.81 6.63
C VAL E 50 9.69 -9.71 7.57
N PRO E 51 8.42 -9.34 7.85
CA PRO E 51 7.67 -10.17 8.81
C PRO E 51 7.55 -11.62 8.34
N PRO E 52 7.60 -12.58 9.28
CA PRO E 52 7.51 -13.99 8.87
C PRO E 52 6.20 -14.36 8.16
N GLU E 53 5.11 -13.71 8.56
CA GLU E 53 3.80 -13.97 7.97
C GLU E 53 3.72 -13.51 6.52
N ALA E 54 4.66 -12.65 6.12
CA ALA E 54 4.70 -12.09 4.78
C ALA E 54 5.17 -13.09 3.73
N PHE E 55 5.76 -14.21 4.18
CA PHE E 55 6.35 -15.18 3.26
C PHE E 55 5.38 -16.30 2.89
N ILE E 56 5.24 -16.56 1.61
CA ILE E 56 4.38 -17.65 1.16
C ILE E 56 5.22 -18.84 0.71
N SER E 57 6.49 -18.59 0.43
CA SER E 57 7.44 -19.65 0.09
C SER E 57 8.83 -19.21 0.56
N GLN E 58 9.79 -20.13 0.54
CA GLN E 58 11.14 -19.81 1.01
C GLN E 58 11.84 -18.91 0.02
N PRO E 59 12.65 -17.96 0.52
CA PRO E 59 13.43 -17.14 -0.43
C PRO E 59 14.31 -18.05 -1.26
N GLN E 60 14.35 -17.79 -2.56
CA GLN E 60 15.09 -18.62 -3.48
C GLN E 60 16.49 -18.07 -3.68
N VAL E 61 16.56 -16.74 -3.81
CA VAL E 61 17.83 -16.01 -3.91
C VAL E 61 18.90 -16.46 -2.91
N ALA F 4 -0.39 -0.90 -8.49
CA ALA F 4 -1.24 -0.77 -7.31
C ALA F 4 -1.96 -2.10 -7.02
N THR F 5 -3.19 -2.02 -6.53
CA THR F 5 -3.95 -3.22 -6.19
C THR F 5 -4.33 -4.01 -7.43
N LYS F 6 -4.63 -3.38 -8.56
CA LYS F 6 -4.92 -4.16 -9.77
C LYS F 6 -3.72 -5.04 -10.14
N ALA F 7 -2.52 -4.46 -10.10
CA ALA F 7 -1.32 -5.23 -10.41
C ALA F 7 -1.14 -6.38 -9.40
N GLN F 8 -1.38 -6.10 -8.12
CA GLN F 8 -1.27 -7.14 -7.07
C GLN F 8 -2.27 -8.24 -7.29
N LEU F 9 -3.49 -7.85 -7.68
CA LEU F 9 -4.56 -8.81 -7.90
C LEU F 9 -4.26 -9.72 -9.09
N ILE F 10 -3.77 -9.15 -10.18
CA ILE F 10 -3.37 -9.94 -11.34
C ILE F 10 -2.25 -10.90 -10.93
N ALA F 11 -1.26 -10.38 -10.21
CA ALA F 11 -0.13 -11.20 -9.78
C ALA F 11 -0.58 -12.35 -8.88
N GLU F 12 -1.57 -12.08 -8.03
CA GLU F 12 -2.09 -13.11 -7.12
C GLU F 12 -2.82 -14.20 -7.88
N VAL F 13 -3.66 -13.80 -8.84
CA VAL F 13 -4.36 -14.78 -9.68
C VAL F 13 -3.35 -15.61 -10.44
N SER F 14 -2.32 -14.96 -10.96
CA SER F 14 -1.27 -15.66 -11.71
C SER F 14 -0.59 -16.70 -10.82
N ARG F 15 -0.28 -16.32 -9.59
CA ARG F 15 0.37 -17.21 -8.64
C ARG F 15 -0.46 -18.44 -8.27
N ARG F 16 -1.75 -18.22 -8.01
CA ARG F 16 -2.64 -19.28 -7.58
C ARG F 16 -3.02 -20.23 -8.72
N THR F 17 -3.24 -19.68 -9.90
CA THR F 17 -3.75 -20.46 -11.02
C THR F 17 -2.66 -20.97 -11.96
N GLY F 18 -1.55 -20.25 -12.00
CA GLY F 18 -0.47 -20.58 -12.92
C GLY F 18 -0.60 -19.93 -14.29
N MET F 19 -1.68 -19.19 -14.53
CA MET F 19 -1.85 -18.50 -15.80
C MET F 19 -0.93 -17.29 -15.88
N ASN F 20 -0.58 -16.87 -17.09
CA ASN F 20 0.21 -15.67 -17.23
C ASN F 20 -0.65 -14.46 -16.85
N VAL F 21 -0.04 -13.27 -16.82
CA VAL F 21 -0.76 -12.09 -16.34
C VAL F 21 -1.86 -11.69 -17.31
N GLU F 22 -1.68 -11.96 -18.60
CA GLU F 22 -2.66 -11.59 -19.60
C GLU F 22 -4.00 -12.31 -19.33
N TYR F 23 -3.92 -13.62 -19.13
CA TYR F 23 -5.12 -14.42 -18.87
C TYR F 23 -5.64 -14.21 -17.46
N SER F 24 -4.73 -13.96 -16.53
CA SER F 24 -5.13 -13.65 -15.17
C SER F 24 -5.98 -12.40 -15.14
N GLN F 25 -5.57 -11.39 -15.91
CA GLN F 25 -6.32 -10.14 -16.00
C GLN F 25 -7.71 -10.40 -16.58
N MET F 26 -7.81 -11.35 -17.51
CA MET F 26 -9.10 -11.69 -18.13
C MET F 26 -10.13 -12.17 -17.10
N LEU F 28 -10.22 -11.27 -13.97
CA LEU F 28 -10.52 -10.16 -13.08
C LEU F 28 -11.40 -9.09 -13.71
N THR F 29 -11.20 -8.83 -15.00
CA THR F 29 -12.00 -7.82 -15.72
C THR F 29 -13.38 -8.32 -16.08
N GLY F 30 -14.34 -7.40 -16.15
CA GLY F 30 -15.71 -7.75 -16.51
C GLY F 30 -16.57 -7.95 -15.28
N ALA F 31 -17.31 -9.04 -15.25
CA ALA F 31 -18.31 -9.21 -14.20
C ALA F 31 -17.69 -9.45 -12.82
N ALA F 32 -16.45 -9.94 -12.77
CA ALA F 32 -15.76 -10.09 -11.47
C ALA F 32 -15.38 -8.71 -10.91
N ASN F 33 -15.21 -7.73 -11.79
CA ASN F 33 -14.82 -6.37 -11.41
C ASN F 33 -13.75 -6.31 -10.31
N TRP F 34 -12.68 -7.08 -10.52
CA TRP F 34 -11.48 -7.09 -9.70
C TRP F 34 -11.70 -7.71 -8.32
N ASN F 35 -12.78 -8.46 -8.19
CA ASN F 35 -12.99 -9.27 -7.00
C ASN F 35 -12.18 -10.56 -7.12
N LEU F 36 -11.22 -10.75 -6.22
CA LEU F 36 -10.31 -11.90 -6.29
C LEU F 36 -11.02 -13.25 -6.19
N GLU F 37 -11.96 -13.38 -5.27
CA GLU F 37 -12.68 -14.65 -5.07
C GLU F 37 -13.47 -15.02 -6.33
N LEU F 38 -14.16 -14.04 -6.90
CA LEU F 38 -14.94 -14.31 -8.11
C LEU F 38 -14.05 -14.61 -9.32
N ALA F 39 -12.90 -13.96 -9.42
CA ALA F 39 -11.96 -14.25 -10.48
C ALA F 39 -11.43 -15.69 -10.40
N LEU F 40 -11.04 -16.10 -9.19
CA LEU F 40 -10.48 -17.43 -8.99
C LEU F 40 -11.54 -18.51 -9.21
N GLN F 41 -12.75 -18.24 -8.76
CA GLN F 41 -13.87 -19.13 -8.99
C GLN F 41 -14.13 -19.36 -10.47
N SER F 42 -14.10 -18.28 -11.22
CA SER F 42 -14.35 -18.35 -12.64
C SER F 42 -13.26 -19.18 -13.32
N PHE F 43 -12.02 -19.04 -12.88
CA PHE F 43 -10.95 -19.88 -13.40
C PHE F 43 -11.21 -21.36 -13.11
N GLU F 44 -11.53 -21.66 -11.86
CA GLU F 44 -11.76 -23.04 -11.45
C GLU F 44 -12.86 -23.68 -12.27
N GLN F 45 -13.91 -22.91 -12.57
CA GLN F 45 -15.04 -23.44 -13.35
C GLN F 45 -14.72 -23.63 -14.83
N GLN F 46 -13.82 -22.79 -15.34
CA GLN F 46 -13.54 -22.74 -16.79
C GLN F 46 -12.18 -23.36 -17.13
N LYS F 47 -11.56 -23.97 -16.13
CA LYS F 47 -10.19 -24.44 -16.21
C LYS F 47 -9.93 -25.33 -17.43
N ALA F 48 -10.92 -26.17 -17.75
CA ALA F 48 -10.81 -27.08 -18.89
C ALA F 48 -10.71 -26.34 -20.23
N ASN F 49 -11.18 -25.10 -20.27
CA ASN F 49 -11.24 -24.36 -21.53
C ASN F 49 -10.06 -23.43 -21.73
N VAL F 50 -9.15 -23.38 -20.77
CA VAL F 50 -8.00 -22.50 -20.89
C VAL F 50 -6.89 -23.16 -21.72
N PRO F 51 -6.43 -22.48 -22.78
CA PRO F 51 -5.36 -23.02 -23.65
C PRO F 51 -4.01 -23.17 -22.92
N PRO F 52 -3.20 -24.16 -23.31
CA PRO F 52 -1.90 -24.38 -22.66
C PRO F 52 -0.97 -23.17 -22.69
N GLU F 53 -1.09 -22.34 -23.73
CA GLU F 53 -0.21 -21.17 -23.87
C GLU F 53 -0.46 -20.15 -22.77
N ALA F 54 -1.64 -20.19 -22.18
CA ALA F 54 -2.01 -19.24 -21.13
C ALA F 54 -1.32 -19.58 -19.80
N PHE F 55 -0.85 -20.82 -19.69
CA PHE F 55 -0.26 -21.33 -18.45
C PHE F 55 1.26 -21.22 -18.45
N ILE F 56 1.80 -20.62 -17.39
CA ILE F 56 3.23 -20.50 -17.21
C ILE F 56 3.74 -21.40 -16.09
N SER F 57 2.87 -21.70 -15.13
CA SER F 57 3.25 -22.53 -13.99
C SER F 57 2.11 -23.38 -13.44
N GLN F 58 2.46 -24.29 -12.53
CA GLN F 58 1.50 -25.14 -11.85
C GLN F 58 0.77 -24.29 -10.81
N PRO F 59 -0.47 -24.67 -10.42
CA PRO F 59 -1.08 -23.92 -9.33
C PRO F 59 -0.34 -24.08 -8.01
N SER G 1 -11.63 -22.70 -34.10
CA SER G 1 -12.83 -23.47 -33.79
C SER G 1 -13.86 -22.60 -33.06
N ASN G 2 -13.63 -22.40 -31.77
CA ASN G 2 -14.51 -21.56 -30.97
C ASN G 2 -14.10 -20.08 -31.06
N ALA G 3 -12.93 -19.83 -31.65
CA ALA G 3 -12.42 -18.48 -31.76
C ALA G 3 -13.31 -17.60 -32.63
N ALA G 4 -13.85 -18.13 -33.72
CA ALA G 4 -14.69 -17.32 -34.60
C ALA G 4 -16.00 -16.99 -33.89
N THR G 5 -16.51 -17.93 -33.10
CA THR G 5 -17.76 -17.68 -32.39
C THR G 5 -17.55 -16.57 -31.35
N LYS G 6 -16.44 -16.65 -30.62
CA LYS G 6 -16.07 -15.63 -29.65
C LYS G 6 -15.89 -14.26 -30.32
N ALA G 7 -15.31 -14.28 -31.50
CA ALA G 7 -15.08 -13.06 -32.27
C ALA G 7 -16.39 -12.33 -32.61
N GLN G 8 -17.45 -13.06 -32.97
CA GLN G 8 -18.71 -12.38 -33.26
C GLN G 8 -19.28 -11.76 -31.99
N LEU G 9 -19.04 -12.38 -30.83
CA LEU G 9 -19.51 -11.80 -29.57
C LEU G 9 -18.70 -10.52 -29.23
N ILE G 10 -17.38 -10.56 -29.44
CA ILE G 10 -16.56 -9.36 -29.26
C ILE G 10 -17.06 -8.26 -30.17
N ALA G 11 -17.30 -8.60 -31.43
CA ALA G 11 -17.72 -7.61 -32.41
C ALA G 11 -19.03 -6.98 -31.97
N GLU G 12 -19.91 -7.78 -31.38
CA GLU G 12 -21.20 -7.26 -30.96
C GLU G 12 -21.07 -6.31 -29.75
N VAL G 13 -20.22 -6.66 -28.79
CA VAL G 13 -19.99 -5.79 -27.64
C VAL G 13 -19.38 -4.45 -28.08
N SER G 14 -18.43 -4.53 -29.01
CA SER G 14 -17.77 -3.34 -29.53
C SER G 14 -18.78 -2.40 -30.18
N ARG G 15 -19.68 -2.98 -30.97
CA ARG G 15 -20.69 -2.20 -31.68
C ARG G 15 -21.56 -1.44 -30.70
N ARG G 16 -22.01 -2.11 -29.65
CA ARG G 16 -22.91 -1.50 -28.67
C ARG G 16 -22.23 -0.55 -27.67
N THR G 17 -21.02 -0.86 -27.22
CA THR G 17 -20.38 -0.06 -26.18
C THR G 17 -19.49 1.03 -26.77
N GLY G 18 -19.00 0.80 -27.98
CA GLY G 18 -18.07 1.72 -28.60
C GLY G 18 -16.62 1.42 -28.25
N MET G 19 -16.42 0.42 -27.39
CA MET G 19 -15.07 0.04 -27.00
C MET G 19 -14.32 -0.71 -28.09
N ASN G 20 -12.99 -0.64 -28.06
CA ASN G 20 -12.19 -1.38 -29.02
C ASN G 20 -12.27 -2.88 -28.74
N VAL G 21 -11.63 -3.69 -29.57
CA VAL G 21 -11.80 -5.14 -29.43
C VAL G 21 -11.17 -5.65 -28.13
N GLU G 22 -10.06 -5.05 -27.70
CA GLU G 22 -9.40 -5.50 -26.47
C GLU G 22 -10.31 -5.34 -25.27
N TYR G 23 -10.88 -4.15 -25.10
CA TYR G 23 -11.70 -3.88 -23.93
C TYR G 23 -13.07 -4.58 -24.06
N SER G 24 -13.55 -4.75 -25.28
CA SER G 24 -14.79 -5.50 -25.48
C SER G 24 -14.63 -6.95 -25.03
N GLN G 25 -13.49 -7.57 -25.34
CA GLN G 25 -13.23 -8.91 -24.85
C GLN G 25 -13.14 -8.95 -23.31
N MET G 26 -12.64 -7.89 -22.68
CA MET G 26 -12.54 -7.87 -21.22
C MET G 26 -13.89 -8.06 -20.53
N LEU G 28 -16.40 -9.68 -21.66
CA LEU G 28 -16.93 -11.01 -21.94
C LEU G 28 -16.21 -12.11 -21.17
N THR G 29 -14.89 -11.99 -21.03
CA THR G 29 -14.10 -13.00 -20.36
C THR G 29 -14.24 -12.92 -18.84
N GLY G 30 -14.11 -14.07 -18.19
CA GLY G 30 -14.20 -14.13 -16.75
C GLY G 30 -15.57 -14.55 -16.27
N ALA G 31 -16.12 -13.81 -15.32
CA ALA G 31 -17.34 -14.23 -14.65
C ALA G 31 -18.58 -14.16 -15.56
N ALA G 32 -18.53 -13.36 -16.61
CA ALA G 32 -19.63 -13.34 -17.57
C ALA G 32 -19.65 -14.63 -18.39
N ASN G 33 -18.49 -15.27 -18.50
CA ASN G 33 -18.28 -16.48 -19.30
C ASN G 33 -18.94 -16.37 -20.68
N TRP G 34 -18.68 -15.23 -21.35
CA TRP G 34 -19.10 -14.97 -22.72
C TRP G 34 -20.62 -14.84 -22.87
N ASN G 35 -21.31 -14.62 -21.76
CA ASN G 35 -22.73 -14.26 -21.80
C ASN G 35 -22.86 -12.81 -22.20
N LEU G 36 -23.48 -12.56 -23.35
CA LEU G 36 -23.57 -11.21 -23.89
C LEU G 36 -24.30 -10.26 -22.94
N GLU G 37 -25.41 -10.71 -22.36
CA GLU G 37 -26.21 -9.87 -21.49
C GLU G 37 -25.39 -9.43 -20.27
N LEU G 38 -24.67 -10.37 -19.66
CA LEU G 38 -23.85 -10.08 -18.47
C LEU G 38 -22.65 -9.20 -18.79
N ALA G 39 -22.09 -9.36 -19.97
CA ALA G 39 -20.98 -8.53 -20.41
C ALA G 39 -21.41 -7.06 -20.53
N LEU G 40 -22.55 -6.84 -21.17
CA LEU G 40 -23.08 -5.50 -21.39
C LEU G 40 -23.51 -4.85 -20.09
N GLN G 41 -24.10 -5.67 -19.22
CA GLN G 41 -24.47 -5.24 -17.87
C GLN G 41 -23.24 -4.73 -17.13
N SER G 42 -22.14 -5.48 -17.25
CA SER G 42 -20.89 -5.09 -16.61
C SER G 42 -20.33 -3.79 -17.17
N PHE G 43 -20.43 -3.60 -18.49
CA PHE G 43 -19.99 -2.34 -19.07
C PHE G 43 -20.79 -1.17 -18.50
N GLU G 44 -22.11 -1.30 -18.47
CA GLU G 44 -22.98 -0.23 -17.99
C GLU G 44 -22.62 0.19 -16.57
N GLN G 45 -22.27 -0.78 -15.74
CA GLN G 45 -21.94 -0.50 -14.36
C GLN G 45 -20.55 0.12 -14.22
N GLN G 46 -19.64 -0.24 -15.14
CA GLN G 46 -18.23 0.13 -15.00
C GLN G 46 -17.70 1.15 -16.03
N LYS G 47 -18.59 1.78 -16.80
CA LYS G 47 -18.17 2.64 -17.92
C LYS G 47 -17.18 3.72 -17.49
N ALA G 48 -17.37 4.24 -16.28
CA ALA G 48 -16.56 5.32 -15.75
C ALA G 48 -15.08 4.97 -15.64
N ASN G 49 -14.76 3.69 -15.53
CA ASN G 49 -13.38 3.26 -15.32
C ASN G 49 -12.69 2.82 -16.62
N VAL G 50 -13.41 2.91 -17.73
CA VAL G 50 -12.84 2.54 -19.03
C VAL G 50 -12.03 3.70 -19.59
N PRO G 51 -10.76 3.46 -19.97
CA PRO G 51 -9.97 4.59 -20.46
C PRO G 51 -10.60 5.22 -21.71
N PRO G 52 -10.55 6.55 -21.85
CA PRO G 52 -11.17 7.17 -23.04
C PRO G 52 -10.57 6.70 -24.37
N GLU G 53 -9.27 6.39 -24.34
CA GLU G 53 -8.57 5.97 -25.55
C GLU G 53 -9.07 4.62 -26.07
N ALA G 54 -9.77 3.88 -25.22
CA ALA G 54 -10.28 2.56 -25.60
C ALA G 54 -11.49 2.62 -26.54
N PHE G 55 -12.07 3.81 -26.69
CA PHE G 55 -13.30 4.01 -27.47
C PHE G 55 -13.05 4.35 -28.92
N ILE G 56 -13.42 3.46 -29.83
CA ILE G 56 -13.26 3.73 -31.26
C ILE G 56 -14.56 3.97 -32.05
N SER G 57 -15.70 3.92 -31.37
CA SER G 57 -17.00 4.19 -32.03
C SER G 57 -18.01 4.71 -31.01
N GLN G 58 -19.19 5.11 -31.47
CA GLN G 58 -20.15 5.74 -30.58
C GLN G 58 -20.78 4.81 -29.55
N PRO G 59 -20.81 5.25 -28.27
CA PRO G 59 -21.52 4.45 -27.27
C PRO G 59 -23.00 4.43 -27.59
N GLN G 60 -23.61 3.24 -27.55
CA GLN G 60 -25.01 3.10 -27.91
C GLN G 60 -25.60 1.84 -27.27
N VAL G 61 -25.10 1.49 -26.09
CA VAL G 61 -25.63 0.38 -25.31
C VAL G 61 -27.16 0.42 -25.26
N ALA H 4 -2.17 -11.36 -28.30
CA ALA H 4 -3.62 -11.24 -28.44
C ALA H 4 -4.25 -12.60 -28.69
N THR H 5 -5.48 -12.79 -28.23
CA THR H 5 -6.18 -14.06 -28.42
C THR H 5 -6.57 -14.20 -29.87
N LYS H 6 -6.84 -15.43 -30.31
CA LYS H 6 -7.30 -15.66 -31.67
C LYS H 6 -8.62 -14.91 -31.93
N ALA H 7 -9.52 -14.95 -30.95
CA ALA H 7 -10.79 -14.26 -31.09
C ALA H 7 -10.59 -12.75 -31.29
N GLN H 8 -9.66 -12.15 -30.54
CA GLN H 8 -9.40 -10.71 -30.70
C GLN H 8 -8.86 -10.37 -32.07
N LEU H 9 -7.98 -11.23 -32.55
CA LEU H 9 -7.34 -11.03 -33.84
C LEU H 9 -8.35 -11.12 -34.98
N ILE H 10 -9.25 -12.09 -34.89
CA ILE H 10 -10.32 -12.21 -35.87
C ILE H 10 -11.22 -10.98 -35.86
N ALA H 11 -11.61 -10.55 -34.66
CA ALA H 11 -12.48 -9.38 -34.54
C ALA H 11 -11.82 -8.13 -35.10
N GLU H 12 -10.52 -7.99 -34.88
CA GLU H 12 -9.81 -6.80 -35.37
C GLU H 12 -9.69 -6.80 -36.89
N VAL H 13 -9.40 -7.96 -37.47
CA VAL H 13 -9.33 -8.06 -38.93
C VAL H 13 -10.71 -7.76 -39.51
N SER H 14 -11.77 -8.25 -38.85
CA SER H 14 -13.13 -7.98 -39.31
C SER H 14 -13.43 -6.48 -39.29
N ARG H 15 -13.04 -5.81 -38.20
CA ARG H 15 -13.27 -4.38 -38.04
C ARG H 15 -12.56 -3.57 -39.11
N ARG H 16 -11.30 -3.95 -39.38
CA ARG H 16 -10.45 -3.20 -40.28
C ARG H 16 -10.84 -3.39 -41.74
N THR H 17 -11.20 -4.62 -42.11
CA THR H 17 -11.45 -4.96 -43.51
C THR H 17 -12.92 -4.90 -43.92
N GLY H 18 -13.81 -5.08 -42.95
CA GLY H 18 -15.23 -5.16 -43.23
C GLY H 18 -15.72 -6.58 -43.53
N MET H 19 -14.81 -7.54 -43.56
CA MET H 19 -15.19 -8.94 -43.80
C MET H 19 -15.84 -9.55 -42.58
N ASN H 20 -16.67 -10.58 -42.80
CA ASN H 20 -17.25 -11.30 -41.66
C ASN H 20 -16.16 -12.12 -40.97
N VAL H 21 -16.51 -12.76 -39.85
CA VAL H 21 -15.49 -13.43 -39.04
C VAL H 21 -14.91 -14.67 -39.73
N GLU H 22 -15.73 -15.36 -40.51
CA GLU H 22 -15.26 -16.56 -41.21
C GLU H 22 -14.14 -16.22 -42.19
N TYR H 23 -14.35 -15.20 -43.01
CA TYR H 23 -13.35 -14.80 -43.99
C TYR H 23 -12.18 -14.07 -43.30
N SER H 24 -12.44 -13.35 -42.21
CA SER H 24 -11.37 -12.72 -41.45
C SER H 24 -10.41 -13.78 -40.90
N GLN H 25 -10.97 -14.87 -40.39
CA GLN H 25 -10.18 -15.98 -39.85
C GLN H 25 -9.32 -16.63 -40.94
N MET H 26 -9.84 -16.67 -42.16
CA MET H 26 -9.10 -17.24 -43.28
C MET H 26 -7.78 -16.51 -43.49
N LEU H 28 -5.99 -14.98 -41.27
CA LEU H 28 -5.10 -15.17 -40.12
C LEU H 28 -4.47 -16.56 -40.05
N THR H 29 -5.26 -17.58 -40.41
CA THR H 29 -4.80 -18.97 -40.38
C THR H 29 -3.87 -19.27 -41.56
N GLY H 30 -2.94 -20.20 -41.35
CA GLY H 30 -2.00 -20.60 -42.38
C GLY H 30 -0.69 -19.84 -42.28
N ALA H 31 -0.21 -19.33 -43.41
CA ALA H 31 1.14 -18.78 -43.44
C ALA H 31 1.30 -17.48 -42.65
N ALA H 32 0.21 -16.76 -42.39
CA ALA H 32 0.29 -15.56 -41.54
C ALA H 32 0.55 -15.94 -40.08
N ASN H 33 0.18 -17.16 -39.73
CA ASN H 33 0.28 -17.66 -38.37
C ASN H 33 -0.18 -16.64 -37.32
N TRP H 34 -1.36 -16.09 -37.56
CA TRP H 34 -2.06 -15.23 -36.64
C TRP H 34 -1.38 -13.89 -36.43
N ASN H 35 -0.46 -13.54 -37.32
CA ASN H 35 0.13 -12.20 -37.34
C ASN H 35 -0.81 -11.22 -38.03
N LEU H 36 -1.25 -10.20 -37.30
CA LEU H 36 -2.25 -9.26 -37.80
C LEU H 36 -1.80 -8.51 -39.07
N GLU H 37 -0.55 -8.05 -39.08
CA GLU H 37 -0.04 -7.30 -40.20
C GLU H 37 -0.02 -8.13 -41.48
N LEU H 38 0.42 -9.39 -41.41
CA LEU H 38 0.41 -10.24 -42.60
C LEU H 38 -0.98 -10.61 -43.04
N ALA H 39 -1.89 -10.75 -42.09
CA ALA H 39 -3.28 -11.04 -42.42
C ALA H 39 -3.84 -9.88 -43.24
N LEU H 40 -3.61 -8.67 -42.76
CA LEU H 40 -4.15 -7.49 -43.42
C LEU H 40 -3.48 -7.27 -44.79
N GLN H 41 -2.18 -7.51 -44.86
CA GLN H 41 -1.45 -7.45 -46.12
C GLN H 41 -2.05 -8.40 -47.16
N SER H 42 -2.36 -9.61 -46.71
CA SER H 42 -2.94 -10.62 -47.59
C SER H 42 -4.31 -10.18 -48.08
N PHE H 43 -5.11 -9.60 -47.19
CA PHE H 43 -6.43 -9.08 -47.59
C PHE H 43 -6.29 -8.01 -48.66
N GLU H 44 -5.42 -7.03 -48.41
CA GLU H 44 -5.24 -5.92 -49.34
C GLU H 44 -4.81 -6.41 -50.71
N GLN H 45 -3.98 -7.43 -50.73
CA GLN H 45 -3.48 -7.98 -51.99
C GLN H 45 -4.56 -8.80 -52.69
N GLN H 46 -5.46 -9.41 -51.93
CA GLN H 46 -6.47 -10.33 -52.46
C GLN H 46 -7.88 -9.78 -52.45
N LYS H 47 -8.02 -8.50 -52.10
CA LYS H 47 -9.32 -7.86 -51.88
C LYS H 47 -10.25 -8.01 -53.09
N ALA H 48 -9.68 -7.94 -54.29
CA ALA H 48 -10.46 -8.06 -55.51
C ALA H 48 -11.15 -9.42 -55.64
N ASN H 49 -10.62 -10.43 -54.97
CA ASN H 49 -11.12 -11.80 -55.12
C ASN H 49 -12.11 -12.19 -54.03
N VAL H 50 -12.38 -11.30 -53.09
CA VAL H 50 -13.30 -11.60 -52.01
C VAL H 50 -14.74 -11.34 -52.46
N PRO H 51 -15.62 -12.34 -52.33
CA PRO H 51 -17.02 -12.16 -52.75
C PRO H 51 -17.75 -11.09 -51.94
N PRO H 52 -18.68 -10.35 -52.57
CA PRO H 52 -19.41 -9.28 -51.88
C PRO H 52 -20.20 -9.71 -50.63
N GLU H 53 -20.68 -10.96 -50.58
CA GLU H 53 -21.46 -11.40 -49.43
C GLU H 53 -20.62 -11.47 -48.15
N ALA H 54 -19.30 -11.54 -48.31
CA ALA H 54 -18.41 -11.67 -47.16
C ALA H 54 -18.24 -10.36 -46.40
N PHE H 55 -18.63 -9.25 -47.04
CA PHE H 55 -18.46 -7.92 -46.49
C PHE H 55 -19.72 -7.46 -45.76
N ILE H 56 -19.67 -7.47 -44.43
CA ILE H 56 -20.82 -7.05 -43.63
C ILE H 56 -20.62 -5.67 -43.00
N SER H 57 -19.62 -4.92 -43.46
CA SER H 57 -19.39 -3.55 -42.97
C SER H 57 -18.29 -2.83 -43.73
N GLN H 58 -18.24 -1.51 -43.57
CA GLN H 58 -17.22 -0.66 -44.22
C GLN H 58 -15.89 -0.69 -43.43
N PRO H 59 -14.74 -0.72 -44.13
CA PRO H 59 -13.40 -0.67 -43.50
C PRO H 59 -13.04 0.59 -42.69
N GLN H 60 -12.42 0.40 -41.53
CA GLN H 60 -11.94 1.49 -40.68
C GLN H 60 -10.45 1.32 -40.40
N VAL H 61 -9.89 2.22 -39.58
CA VAL H 61 -8.49 2.16 -39.18
C VAL H 61 -8.32 1.89 -37.69
#